data_2B4L
#
_entry.id   2B4L
#
_cell.length_a   29.818
_cell.length_b   88.486
_cell.length_c   95.714
_cell.angle_alpha   90.00
_cell.angle_beta   90.00
_cell.angle_gamma   90.00
#
_symmetry.space_group_name_H-M   'P 21 21 21'
#
loop_
_entity.id
_entity.type
_entity.pdbx_description
1 polymer 'Glycine betaine-binding protein'
2 non-polymer 'TRIMETHYL GLYCINE'
3 non-polymer 1,2-ETHANEDIOL
4 water water
#
_entity_poly.entity_id   1
_entity_poly.type   'polypeptide(L)'
_entity_poly.pdbx_seq_one_letter_code
;DENASAAEQVNKTIIGIDPGSGIMSLTDKAMKDYDLNDWTLISASSAAMTATLKKSYDRKKPIIITGWTPHWMFSRYKLK
YLDDPKQSYGSAEEIHTITRKGFSKEQPNAAKLLSQFKWTQDEMGEIMIKVEEGEKPAKVAAEYVNKHKDQIAEWTKGVQ
KVKGDKINLAYVAWDSEIASTNVIGKVLEDLGYEVTLTQVEAGPMWTAIATGSADASLSAWLPNTHKAYAAKYKGKYDDI
GTSMTGVKMGLVVPQYMKNVNSIEDLKK
;
_entity_poly.pdbx_strand_id   A
#
# COMPACT_ATOMS: atom_id res chain seq x y z
N ASP A 1 32.97 3.05 -14.24
CA ASP A 1 33.06 3.29 -15.73
C ASP A 1 32.47 4.66 -16.08
N GLU A 2 33.27 5.51 -16.71
CA GLU A 2 32.83 6.87 -17.04
C GLU A 2 31.60 6.91 -17.96
N ASN A 3 31.47 5.92 -18.85
CA ASN A 3 30.35 5.91 -19.79
C ASN A 3 29.30 4.84 -19.46
N ALA A 4 29.10 4.57 -18.17
CA ALA A 4 28.19 3.52 -17.75
C ALA A 4 26.73 3.92 -17.96
N SER A 5 25.95 3.01 -18.55
CA SER A 5 24.50 3.15 -18.65
C SER A 5 23.83 3.03 -17.29
N ALA A 6 22.54 3.36 -17.25
CA ALA A 6 21.69 3.15 -16.07
C ALA A 6 21.74 1.70 -15.63
N ALA A 7 21.48 0.81 -16.59
CA ALA A 7 21.52 -0.62 -16.36
C ALA A 7 22.85 -1.02 -15.71
N GLU A 8 23.95 -0.60 -16.33
CA GLU A 8 25.31 -0.88 -15.83
C GLU A 8 25.48 -0.39 -14.39
N GLN A 9 25.09 0.86 -14.15
CA GLN A 9 25.23 1.50 -12.84
C GLN A 9 24.59 0.74 -11.68
N VAL A 10 23.44 0.13 -11.92
CA VAL A 10 22.73 -0.63 -10.88
C VAL A 10 22.87 -2.13 -11.08
N ASN A 11 23.73 -2.52 -12.00
CA ASN A 11 23.99 -3.93 -12.25
C ASN A 11 22.73 -4.70 -12.61
N LYS A 12 21.87 -4.06 -13.39
CA LYS A 12 20.62 -4.68 -13.85
C LYS A 12 19.83 -5.28 -12.67
N THR A 13 19.78 -4.54 -11.57
CA THR A 13 19.13 -5.02 -10.35
C THR A 13 18.09 -4.03 -9.85
N ILE A 14 16.89 -4.54 -9.55
CA ILE A 14 15.83 -3.74 -8.92
C ILE A 14 15.60 -4.28 -7.51
N ILE A 15 15.54 -3.38 -6.54
CA ILE A 15 15.25 -3.75 -5.15
C ILE A 15 13.74 -3.71 -4.92
N GLY A 16 13.16 -4.88 -4.62
CA GLY A 16 11.73 -5.04 -4.42
C GLY A 16 11.33 -5.25 -2.97
N ILE A 17 10.08 -5.66 -2.77
CA ILE A 17 9.55 -5.90 -1.44
C ILE A 17 9.09 -7.36 -1.32
N ASP A 18 8.08 -7.61 -0.51
CA ASP A 18 7.60 -8.98 -0.27
C ASP A 18 7.12 -9.59 -1.59
N PRO A 19 7.48 -10.84 -1.84
CA PRO A 19 7.25 -11.46 -3.15
C PRO A 19 5.76 -11.70 -3.49
N GLY A 20 4.87 -11.74 -2.49
CA GLY A 20 3.44 -11.88 -2.74
C GLY A 20 2.70 -10.59 -3.06
N SER A 21 3.41 -9.47 -3.00
CA SER A 21 2.81 -8.17 -3.29
C SER A 21 2.51 -8.04 -4.78
N GLY A 22 1.49 -7.26 -5.11
CA GLY A 22 1.14 -7.00 -6.49
C GLY A 22 2.19 -6.19 -7.24
N ILE A 23 2.86 -5.27 -6.55
CA ILE A 23 3.85 -4.43 -7.23
C ILE A 23 4.95 -5.31 -7.81
N MET A 24 5.26 -6.40 -7.11
CA MET A 24 6.29 -7.33 -7.60
C MET A 24 5.81 -8.05 -8.84
N SER A 25 4.55 -8.50 -8.84
CA SER A 25 3.92 -9.09 -10.03
C SER A 25 3.96 -8.15 -11.22
N LEU A 26 3.50 -6.91 -11.01
CA LEU A 26 3.51 -5.85 -12.02
C LEU A 26 4.90 -5.52 -12.53
N THR A 27 5.89 -5.57 -11.63
CA THR A 27 7.29 -5.38 -12.01
C THR A 27 7.79 -6.56 -12.84
N ASP A 28 7.38 -7.78 -12.51
CA ASP A 28 7.70 -8.94 -13.35
C ASP A 28 7.19 -8.70 -14.77
N LYS A 29 5.99 -8.15 -14.88
CA LYS A 29 5.40 -7.83 -16.17
C LYS A 29 6.13 -6.68 -16.89
N ALA A 30 6.36 -5.59 -16.19
CA ALA A 30 7.16 -4.49 -16.73
C ALA A 30 8.48 -4.99 -17.36
N MET A 31 9.18 -5.88 -16.65
CA MET A 31 10.50 -6.36 -17.10
C MET A 31 10.40 -7.15 -18.40
N LYS A 32 9.28 -7.84 -18.60
CA LYS A 32 9.01 -8.52 -19.87
C LYS A 32 8.61 -7.52 -20.94
N ASP A 33 7.76 -6.56 -20.58
CA ASP A 33 7.29 -5.53 -21.52
C ASP A 33 8.43 -4.67 -22.07
N TYR A 34 9.42 -4.39 -21.23
CA TYR A 34 10.51 -3.50 -21.61
C TYR A 34 11.77 -4.29 -21.94
N ASP A 35 11.63 -5.58 -22.22
CA ASP A 35 12.76 -6.45 -22.55
C ASP A 35 13.92 -6.28 -21.58
N LEU A 36 13.61 -6.34 -20.28
CA LEU A 36 14.59 -6.32 -19.22
C LEU A 36 14.76 -7.72 -18.64
N ASN A 37 14.79 -8.74 -19.50
CA ASN A 37 14.76 -10.11 -19.00
C ASN A 37 16.10 -10.61 -18.44
N ASP A 38 17.18 -9.87 -18.72
CA ASP A 38 18.48 -10.17 -18.10
C ASP A 38 18.69 -9.39 -16.79
N TRP A 39 17.60 -8.82 -16.28
CA TRP A 39 17.60 -8.12 -15.00
C TRP A 39 17.20 -9.04 -13.85
N THR A 40 17.57 -8.61 -12.65
CA THR A 40 17.28 -9.33 -11.41
C THR A 40 16.37 -8.45 -10.55
N LEU A 41 15.18 -8.95 -10.22
CA LEU A 41 14.29 -8.31 -9.25
C LEU A 41 14.52 -9.00 -7.91
N ILE A 42 15.02 -8.26 -6.92
CA ILE A 42 15.30 -8.86 -5.60
C ILE A 42 14.03 -8.81 -4.77
N SER A 43 13.51 -9.99 -4.43
CA SER A 43 12.45 -10.09 -3.42
C SER A 43 13.04 -9.79 -2.06
N ALA A 44 12.29 -9.10 -1.24
CA ALA A 44 12.73 -8.74 0.08
C ALA A 44 11.52 -8.41 0.95
N SER A 45 11.44 -7.16 1.42
CA SER A 45 10.39 -6.72 2.32
C SER A 45 10.40 -5.19 2.32
N SER A 46 9.31 -4.59 2.77
CA SER A 46 9.22 -3.14 2.86
C SER A 46 10.42 -2.55 3.62
N ALA A 47 10.72 -3.11 4.77
CA ALA A 47 11.77 -2.60 5.66
C ALA A 47 13.19 -2.74 5.07
N ALA A 48 13.45 -3.87 4.42
CA ALA A 48 14.75 -4.09 3.76
C ALA A 48 14.92 -3.18 2.53
N MET A 49 13.83 -2.93 1.82
CA MET A 49 13.90 -2.06 0.67
C MET A 49 14.24 -0.64 1.11
N THR A 50 13.57 -0.15 2.15
CA THR A 50 13.83 1.22 2.62
C THR A 50 15.22 1.33 3.30
N ALA A 51 15.70 0.28 3.96
CA ALA A 51 17.07 0.33 4.53
C ALA A 51 18.11 0.39 3.42
N THR A 52 17.91 -0.43 2.40
CA THR A 52 18.75 -0.41 1.22
C THR A 52 18.67 0.96 0.52
N LEU A 53 17.45 1.48 0.34
CA LEU A 53 17.27 2.84 -0.21
C LEU A 53 18.08 3.86 0.57
N LYS A 54 17.98 3.83 1.90
CA LYS A 54 18.71 4.77 2.76
C LYS A 54 20.22 4.73 2.52
N LYS A 55 20.77 3.52 2.46
CA LYS A 55 22.22 3.33 2.35
C LYS A 55 22.73 3.88 1.02
N SER A 56 22.05 3.52 -0.05
CA SER A 56 22.40 4.01 -1.37
C SER A 56 22.23 5.54 -1.46
N TYR A 57 21.09 6.04 -1.01
CA TYR A 57 20.79 7.47 -1.06
C TYR A 57 21.84 8.33 -0.36
N ASP A 58 22.18 7.97 0.88
CA ASP A 58 23.16 8.73 1.68
C ASP A 58 24.57 8.73 1.03
N ARG A 59 24.85 7.73 0.20
CA ARG A 59 26.10 7.63 -0.57
C ARG A 59 25.95 8.13 -2.01
N LYS A 60 24.77 8.63 -2.36
CA LYS A 60 24.42 9.05 -3.72
C LYS A 60 24.77 7.96 -4.76
N LYS A 61 24.42 6.72 -4.43
CA LYS A 61 24.61 5.59 -5.32
C LYS A 61 23.34 5.37 -6.16
N PRO A 62 23.50 5.00 -7.42
CA PRO A 62 22.35 4.62 -8.24
C PRO A 62 21.58 3.47 -7.61
N ILE A 63 20.25 3.58 -7.61
CA ILE A 63 19.39 2.51 -7.14
C ILE A 63 18.04 2.61 -7.81
N ILE A 64 17.43 1.46 -8.08
CA ILE A 64 16.04 1.41 -8.55
C ILE A 64 15.23 0.52 -7.61
N ILE A 65 14.09 1.03 -7.16
CA ILE A 65 13.25 0.33 -6.22
C ILE A 65 11.84 0.15 -6.78
N THR A 66 11.10 -0.80 -6.22
CA THR A 66 9.65 -0.90 -6.45
C THR A 66 9.00 0.03 -5.45
N GLY A 67 8.60 1.20 -5.92
CA GLY A 67 7.99 2.22 -5.08
C GLY A 67 6.50 2.42 -5.32
N TRP A 68 5.84 2.99 -4.33
CA TRP A 68 4.44 3.32 -4.41
C TRP A 68 4.17 4.60 -3.66
N THR A 69 3.03 5.18 -3.99
CA THR A 69 2.63 6.46 -3.45
C THR A 69 1.18 6.47 -2.97
N PRO A 70 0.98 6.13 -1.71
CA PRO A 70 1.30 6.95 -0.59
C PRO A 70 2.43 6.19 0.17
N HIS A 71 3.53 6.86 0.45
CA HIS A 71 4.67 6.28 1.19
C HIS A 71 5.54 7.41 1.70
N TRP A 72 5.95 7.31 2.96
CA TRP A 72 6.75 8.34 3.63
C TRP A 72 8.10 8.58 2.95
N MET A 73 8.62 7.59 2.24
CA MET A 73 9.92 7.75 1.58
C MET A 73 9.97 8.94 0.59
N PHE A 74 8.85 9.23 -0.07
CA PHE A 74 8.76 10.43 -0.94
C PHE A 74 8.86 11.74 -0.17
N SER A 75 8.59 11.71 1.13
CA SER A 75 8.79 12.87 2.01
C SER A 75 10.24 12.93 2.50
N ARG A 76 10.79 11.79 2.92
CA ARG A 76 12.16 11.72 3.43
C ARG A 76 13.18 11.99 2.34
N TYR A 77 12.93 11.44 1.15
CA TYR A 77 13.90 11.47 0.07
C TYR A 77 13.34 12.19 -1.15
N LYS A 78 14.24 12.69 -1.99
CA LYS A 78 13.86 13.26 -3.29
C LYS A 78 13.86 12.13 -4.31
N LEU A 79 12.67 11.57 -4.56
CA LEU A 79 12.51 10.45 -5.50
C LEU A 79 11.60 10.82 -6.66
N LYS A 80 11.68 10.04 -7.74
CA LYS A 80 10.79 10.20 -8.90
C LYS A 80 10.43 8.83 -9.47
N TYR A 81 9.23 8.74 -10.07
CA TYR A 81 8.85 7.56 -10.85
C TYR A 81 9.50 7.60 -12.24
N LEU A 82 10.02 6.45 -12.67
CA LEU A 82 10.43 6.26 -14.06
C LEU A 82 9.16 6.24 -14.93
N ASP A 83 9.14 7.05 -15.98
CA ASP A 83 8.02 7.05 -16.93
C ASP A 83 7.72 5.65 -17.42
N ASP A 84 6.44 5.36 -17.60
CA ASP A 84 5.96 4.02 -17.94
C ASP A 84 5.03 4.16 -19.14
N PRO A 85 5.62 4.47 -20.31
CA PRO A 85 4.82 4.71 -21.52
C PRO A 85 3.99 3.49 -21.95
N LYS A 86 4.48 2.31 -21.63
CA LYS A 86 3.73 1.07 -21.90
C LYS A 86 2.60 0.80 -20.89
N GLN A 87 2.52 1.62 -19.84
CA GLN A 87 1.55 1.42 -18.75
C GLN A 87 1.53 -0.04 -18.25
N SER A 88 2.73 -0.59 -18.04
CA SER A 88 2.87 -1.88 -17.38
C SER A 88 2.27 -1.88 -15.95
N TYR A 89 2.38 -0.77 -15.25
CA TYR A 89 1.80 -0.63 -13.90
C TYR A 89 0.34 -0.12 -13.93
N GLY A 90 -0.20 0.10 -15.13
CA GLY A 90 -1.59 0.50 -15.28
C GLY A 90 -1.85 1.97 -14.99
N SER A 91 -3.12 2.27 -14.73
CA SER A 91 -3.57 3.64 -14.45
C SER A 91 -4.82 3.62 -13.56
N ALA A 92 -5.13 4.79 -13.00
CA ALA A 92 -6.37 5.01 -12.23
C ALA A 92 -6.50 4.04 -11.06
N GLU A 93 -5.43 3.88 -10.31
CA GLU A 93 -5.38 2.93 -9.22
C GLU A 93 -5.95 3.58 -7.98
N GLU A 94 -6.51 2.76 -7.10
CA GLU A 94 -7.17 3.18 -5.88
C GLU A 94 -6.90 2.17 -4.75
N ILE A 95 -7.18 2.59 -3.53
CA ILE A 95 -7.17 1.71 -2.38
C ILE A 95 -8.61 1.44 -2.02
N HIS A 96 -8.96 0.16 -1.91
CA HIS A 96 -10.34 -0.25 -1.65
C HIS A 96 -10.50 -0.93 -0.29
N THR A 97 -11.74 -0.86 0.20
CA THR A 97 -12.13 -1.49 1.44
C THR A 97 -13.00 -2.69 1.11
N ILE A 98 -12.54 -3.87 1.46
CA ILE A 98 -13.22 -5.11 1.10
C ILE A 98 -13.68 -5.85 2.35
N THR A 99 -14.81 -6.57 2.24
CA THR A 99 -15.29 -7.40 3.34
C THR A 99 -15.52 -8.82 2.90
N ARG A 100 -15.57 -9.73 3.87
CA ARG A 100 -16.06 -11.06 3.61
C ARG A 100 -17.49 -10.94 3.13
N LYS A 101 -17.91 -11.93 2.37
CA LYS A 101 -19.24 -11.91 1.78
C LYS A 101 -20.29 -11.95 2.89
N GLY A 102 -21.37 -11.20 2.69
CA GLY A 102 -22.46 -11.13 3.66
C GLY A 102 -22.30 -10.11 4.77
N PHE A 103 -21.09 -9.55 4.93
CA PHE A 103 -20.82 -8.63 6.04
C PHE A 103 -21.75 -7.41 6.08
N SER A 104 -22.09 -6.86 4.92
CA SER A 104 -22.90 -5.65 4.85
C SER A 104 -24.31 -5.84 5.42
N LYS A 105 -24.92 -6.99 5.15
CA LYS A 105 -26.22 -7.31 5.73
C LYS A 105 -26.08 -7.89 7.14
N GLU A 106 -24.94 -8.56 7.39
CA GLU A 106 -24.65 -9.18 8.68
C GLU A 106 -24.37 -8.11 9.75
N GLN A 107 -23.44 -7.20 9.43
CA GLN A 107 -23.03 -6.12 10.36
C GLN A 107 -23.14 -4.77 9.65
N PRO A 108 -24.36 -4.29 9.44
CA PRO A 108 -24.58 -3.13 8.58
C PRO A 108 -24.02 -1.81 9.15
N ASN A 109 -23.89 -1.73 10.46
CA ASN A 109 -23.36 -0.53 11.10
C ASN A 109 -21.88 -0.34 10.77
N ALA A 110 -21.11 -1.41 10.96
CA ALA A 110 -19.68 -1.40 10.69
C ALA A 110 -19.40 -1.25 9.20
N ALA A 111 -20.24 -1.89 8.39
CA ALA A 111 -20.15 -1.78 6.93
C ALA A 111 -20.33 -0.32 6.46
N LYS A 112 -21.24 0.41 7.11
CA LYS A 112 -21.50 1.81 6.78
C LYS A 112 -20.27 2.67 7.10
N LEU A 113 -19.68 2.42 8.26
CA LEU A 113 -18.45 3.10 8.67
C LEU A 113 -17.36 2.86 7.65
N LEU A 114 -17.13 1.59 7.34
CA LEU A 114 -16.07 1.20 6.41
C LEU A 114 -16.28 1.77 5.02
N SER A 115 -17.53 1.81 4.55
CA SER A 115 -17.84 2.36 3.24
C SER A 115 -17.58 3.87 3.15
N GLN A 116 -17.65 4.55 4.30
CA GLN A 116 -17.47 6.00 4.38
C GLN A 116 -16.05 6.42 4.76
N PHE A 117 -15.17 5.44 4.98
CA PHE A 117 -13.74 5.71 5.25
C PHE A 117 -13.03 6.19 3.97
N LYS A 118 -12.56 7.45 3.99
CA LYS A 118 -11.74 8.03 2.91
C LYS A 118 -10.76 9.05 3.48
N TRP A 119 -9.60 9.17 2.84
CA TRP A 119 -8.60 10.14 3.27
C TRP A 119 -7.52 10.32 2.20
N THR A 120 -6.66 11.32 2.39
CA THR A 120 -5.70 11.70 1.36
C THR A 120 -4.30 11.17 1.64
N GLN A 121 -3.47 11.24 0.63
CA GLN A 121 -2.07 10.84 0.75
C GLN A 121 -1.32 11.59 1.84
N ASP A 122 -1.53 12.90 1.94
CA ASP A 122 -0.88 13.70 2.98
C ASP A 122 -1.38 13.35 4.39
N GLU A 123 -2.67 13.00 4.50
CA GLU A 123 -3.26 12.59 5.78
C GLU A 123 -2.69 11.23 6.23
N MET A 124 -2.67 10.25 5.33
CA MET A 124 -1.99 8.98 5.62
C MET A 124 -0.51 9.23 5.93
N GLY A 125 0.12 10.14 5.20
CA GLY A 125 1.52 10.51 5.39
C GLY A 125 1.80 10.95 6.82
N GLU A 126 0.87 11.70 7.40
CA GLU A 126 0.95 12.15 8.80
C GLU A 126 1.24 10.96 9.67
N ILE A 127 0.41 9.93 9.59
CA ILE A 127 0.58 8.72 10.40
C ILE A 127 1.87 7.97 10.05
N MET A 128 2.12 7.73 8.76
CA MET A 128 3.28 6.93 8.35
C MET A 128 4.62 7.49 8.82
N ILE A 129 4.79 8.82 8.71
CA ILE A 129 6.00 9.51 9.14
C ILE A 129 6.24 9.33 10.63
N LYS A 130 5.19 9.54 11.41
CA LYS A 130 5.30 9.40 12.86
C LYS A 130 5.58 7.96 13.26
N VAL A 131 5.04 7.00 12.51
CA VAL A 131 5.32 5.58 12.77
C VAL A 131 6.77 5.23 12.40
N GLU A 132 7.30 5.71 11.27
CA GLU A 132 8.70 5.34 10.94
C GLU A 132 9.71 6.00 11.88
N GLU A 133 9.37 7.16 12.43
CA GLU A 133 10.19 7.84 13.43
C GLU A 133 10.15 7.15 14.81
N GLY A 134 9.29 6.14 14.97
CA GLY A 134 9.38 5.26 16.14
C GLY A 134 8.16 5.17 17.06
N GLU A 135 7.12 5.95 16.76
CA GLU A 135 5.90 5.88 17.56
C GLU A 135 5.11 4.63 17.16
N LYS A 136 4.37 4.07 18.10
CA LYS A 136 3.55 2.89 17.87
C LYS A 136 2.33 3.28 17.02
N PRO A 137 1.98 2.48 16.00
CA PRO A 137 0.81 2.79 15.18
C PRO A 137 -0.46 3.09 15.97
N ALA A 138 -0.75 2.28 16.99
CA ALA A 138 -1.92 2.49 17.85
C ALA A 138 -1.94 3.89 18.48
N LYS A 139 -0.80 4.36 18.96
CA LYS A 139 -0.77 5.65 19.61
C LYS A 139 -0.86 6.78 18.58
N VAL A 140 -0.20 6.61 17.43
CA VAL A 140 -0.28 7.61 16.37
C VAL A 140 -1.72 7.77 15.84
N ALA A 141 -2.40 6.63 15.65
CA ALA A 141 -3.83 6.64 15.26
C ALA A 141 -4.69 7.40 16.28
N ALA A 142 -4.44 7.17 17.56
CA ALA A 142 -5.18 7.83 18.65
C ALA A 142 -5.00 9.33 18.57
N GLU A 143 -3.77 9.76 18.26
CA GLU A 143 -3.47 11.16 18.02
C GLU A 143 -4.25 11.69 16.82
N TYR A 144 -4.31 10.89 15.76
CA TYR A 144 -4.99 11.28 14.52
C TYR A 144 -6.49 11.51 14.70
N VAL A 145 -7.18 10.58 15.37
CA VAL A 145 -8.63 10.71 15.55
C VAL A 145 -8.97 11.93 16.42
N ASN A 146 -8.09 12.25 17.37
CA ASN A 146 -8.25 13.46 18.18
C ASN A 146 -7.93 14.74 17.41
N LYS A 147 -6.89 14.70 16.59
CA LYS A 147 -6.47 15.86 15.80
C LYS A 147 -7.48 16.14 14.68
N HIS A 148 -8.03 15.08 14.08
CA HIS A 148 -8.93 15.21 12.94
C HIS A 148 -10.35 14.83 13.34
N LYS A 149 -11.01 15.74 14.02
CA LYS A 149 -12.34 15.52 14.55
C LYS A 149 -13.39 15.56 13.45
N ASP A 150 -13.36 16.60 12.62
CA ASP A 150 -14.35 16.79 11.56
C ASP A 150 -14.35 15.66 10.53
N GLN A 151 -13.18 15.11 10.26
CA GLN A 151 -13.07 13.97 9.34
C GLN A 151 -13.70 12.72 9.96
N ILE A 152 -13.35 12.44 11.21
CA ILE A 152 -13.89 11.27 11.89
C ILE A 152 -15.42 11.34 11.98
N ALA A 153 -15.97 12.54 12.16
CA ALA A 153 -17.42 12.74 12.12
C ALA A 153 -18.02 12.43 10.74
N GLU A 154 -17.24 12.68 9.68
CA GLU A 154 -17.67 12.35 8.32
C GLU A 154 -17.77 10.84 8.16
N TRP A 155 -16.73 10.13 8.61
CA TRP A 155 -16.70 8.67 8.54
C TRP A 155 -17.85 8.07 9.34
N THR A 156 -18.08 8.58 10.54
CA THR A 156 -19.12 8.06 11.44
C THR A 156 -20.52 8.60 11.16
N LYS A 157 -20.68 9.39 10.09
CA LYS A 157 -21.99 9.96 9.73
C LYS A 157 -23.09 8.90 9.61
N GLY A 158 -24.03 8.92 10.55
CA GLY A 158 -25.12 7.95 10.59
C GLY A 158 -24.71 6.60 11.14
N VAL A 159 -23.50 6.52 11.71
CA VAL A 159 -22.99 5.29 12.32
C VAL A 159 -23.17 5.38 13.83
N GLN A 160 -23.61 4.28 14.43
CA GLN A 160 -23.93 4.22 15.85
C GLN A 160 -22.90 3.46 16.68
N LYS A 161 -22.93 3.71 17.99
CA LYS A 161 -22.10 2.99 18.95
C LYS A 161 -22.65 1.59 19.18
N VAL A 162 -21.77 0.65 19.53
CA VAL A 162 -22.17 -0.72 19.83
C VAL A 162 -21.56 -1.20 21.14
N LYS A 163 -22.04 -2.32 21.63
CA LYS A 163 -21.60 -2.87 22.91
C LYS A 163 -20.79 -4.14 22.72
N GLY A 164 -19.55 -3.99 22.27
CA GLY A 164 -18.57 -5.08 22.25
C GLY A 164 -18.55 -5.97 21.01
N ASP A 165 -19.22 -5.54 19.94
CA ASP A 165 -19.30 -6.35 18.72
C ASP A 165 -17.90 -6.65 18.20
N LYS A 166 -17.64 -7.92 17.94
CA LYS A 166 -16.33 -8.34 17.50
C LYS A 166 -16.16 -8.05 16.01
N ILE A 167 -14.98 -7.56 15.66
CA ILE A 167 -14.62 -7.36 14.26
C ILE A 167 -13.13 -7.59 14.06
N ASN A 168 -12.81 -8.25 12.96
CA ASN A 168 -11.47 -8.70 12.65
C ASN A 168 -11.04 -8.06 11.34
N LEU A 169 -10.04 -7.19 11.43
CA LEU A 169 -9.46 -6.54 10.26
C LEU A 169 -8.17 -7.25 9.82
N ALA A 170 -8.22 -7.85 8.63
CA ALA A 170 -7.02 -8.43 8.04
C ALA A 170 -6.20 -7.30 7.41
N TYR A 171 -4.88 -7.38 7.55
CA TYR A 171 -4.03 -6.41 6.89
C TYR A 171 -2.64 -6.96 6.58
N VAL A 172 -1.95 -6.26 5.68
CA VAL A 172 -0.59 -6.59 5.30
C VAL A 172 0.29 -5.47 5.80
N ALA A 173 1.49 -5.83 6.26
CA ALA A 173 2.39 -4.88 6.89
C ALA A 173 3.15 -3.98 5.90
N TRP A 174 2.45 -3.44 4.91
CA TRP A 174 2.97 -2.31 4.14
C TRP A 174 2.75 -1.07 5.00
N ASP A 175 3.65 -0.08 4.90
CA ASP A 175 3.63 1.12 5.74
C ASP A 175 2.26 1.81 5.64
N SER A 176 1.74 1.90 4.42
CA SER A 176 0.47 2.56 4.14
C SER A 176 -0.69 1.86 4.79
N GLU A 177 -0.67 0.53 4.72
CA GLU A 177 -1.78 -0.28 5.21
C GLU A 177 -1.74 -0.45 6.73
N ILE A 178 -0.55 -0.36 7.33
CA ILE A 178 -0.48 -0.33 8.78
C ILE A 178 -1.17 0.95 9.29
N ALA A 179 -1.00 2.05 8.56
CA ALA A 179 -1.59 3.34 8.92
C ALA A 179 -3.12 3.35 8.79
N SER A 180 -3.64 2.90 7.66
CA SER A 180 -5.07 2.91 7.41
C SER A 180 -5.79 1.93 8.35
N THR A 181 -5.18 0.77 8.57
CA THR A 181 -5.78 -0.25 9.39
C THR A 181 -5.89 0.19 10.86
N ASN A 182 -4.82 0.75 11.40
CA ASN A 182 -4.81 1.23 12.79
C ASN A 182 -5.73 2.43 13.01
N VAL A 183 -5.89 3.29 12.00
CA VAL A 183 -6.72 4.50 12.18
C VAL A 183 -8.20 4.11 12.20
N ILE A 184 -8.59 3.23 11.29
CA ILE A 184 -9.96 2.74 11.23
C ILE A 184 -10.28 1.82 12.40
N GLY A 185 -9.29 1.02 12.81
CA GLY A 185 -9.41 0.17 13.98
C GLY A 185 -9.70 0.98 15.24
N LYS A 186 -9.05 2.13 15.37
CA LYS A 186 -9.24 3.00 16.53
C LYS A 186 -10.65 3.61 16.50
N VAL A 187 -11.10 4.01 15.33
CA VAL A 187 -12.43 4.58 15.18
C VAL A 187 -13.49 3.55 15.61
N LEU A 188 -13.35 2.33 15.09
CA LEU A 188 -14.17 1.20 15.52
C LEU A 188 -14.09 0.98 17.02
N GLU A 189 -12.88 1.01 17.57
CA GLU A 189 -12.68 0.87 19.02
C GLU A 189 -13.42 1.95 19.79
N ASP A 190 -13.32 3.18 19.32
CA ASP A 190 -14.00 4.32 19.95
C ASP A 190 -15.53 4.17 19.84
N LEU A 191 -15.97 3.49 18.79
CA LEU A 191 -17.39 3.23 18.56
C LEU A 191 -17.93 2.13 19.49
N GLY A 192 -17.03 1.36 20.11
CA GLY A 192 -17.41 0.31 21.06
C GLY A 192 -17.15 -1.12 20.60
N TYR A 193 -16.61 -1.26 19.39
CA TYR A 193 -16.25 -2.57 18.83
C TYR A 193 -15.04 -3.19 19.53
N GLU A 194 -15.06 -4.51 19.66
CA GLU A 194 -13.90 -5.30 20.06
C GLU A 194 -13.10 -5.58 18.78
N VAL A 195 -11.96 -4.91 18.62
CA VAL A 195 -11.20 -4.98 17.38
C VAL A 195 -9.97 -5.87 17.52
N THR A 196 -9.85 -6.81 16.57
CA THR A 196 -8.66 -7.63 16.38
C THR A 196 -8.00 -7.24 15.06
N LEU A 197 -6.68 -7.05 15.08
CA LEU A 197 -5.92 -6.77 13.86
C LEU A 197 -5.14 -8.03 13.53
N THR A 198 -5.39 -8.58 12.35
CA THR A 198 -4.79 -9.82 11.93
C THR A 198 -3.80 -9.58 10.80
N GLN A 199 -2.51 -9.63 11.13
CA GLN A 199 -1.45 -9.41 10.17
C GLN A 199 -1.19 -10.65 9.33
N VAL A 200 -1.23 -10.50 8.02
CA VAL A 200 -0.99 -11.63 7.12
C VAL A 200 -0.23 -11.16 5.91
N GLU A 201 0.37 -12.11 5.19
CA GLU A 201 0.98 -11.81 3.90
C GLU A 201 -0.09 -11.42 2.86
N ALA A 202 0.39 -10.91 1.74
CA ALA A 202 -0.41 -10.80 0.53
C ALA A 202 -0.51 -12.22 -0.08
N GLY A 203 -1.73 -12.54 -0.45
CA GLY A 203 -2.17 -13.90 -0.66
C GLY A 203 -3.09 -14.25 0.49
N PRO A 204 -2.53 -14.63 1.64
CA PRO A 204 -3.32 -14.91 2.83
C PRO A 204 -4.35 -13.89 3.26
N MET A 205 -4.08 -12.61 3.03
CA MET A 205 -5.04 -11.55 3.35
C MET A 205 -6.30 -11.70 2.50
N TRP A 206 -6.11 -11.89 1.20
CA TRP A 206 -7.25 -12.11 0.31
C TRP A 206 -7.98 -13.39 0.66
N THR A 207 -7.24 -14.46 0.92
CA THR A 207 -7.82 -15.75 1.31
C THR A 207 -8.66 -15.66 2.59
N ALA A 208 -8.17 -14.89 3.56
CA ALA A 208 -8.88 -14.65 4.80
C ALA A 208 -10.23 -14.01 4.57
N ILE A 209 -10.25 -12.95 3.77
CA ILE A 209 -11.48 -12.26 3.40
C ILE A 209 -12.41 -13.21 2.62
N ALA A 210 -11.84 -13.89 1.63
CA ALA A 210 -12.62 -14.78 0.74
C ALA A 210 -13.23 -15.99 1.44
N THR A 211 -12.61 -16.43 2.55
CA THR A 211 -13.13 -17.55 3.33
C THR A 211 -13.91 -17.10 4.56
N GLY A 212 -13.83 -15.83 4.92
CA GLY A 212 -14.53 -15.30 6.08
C GLY A 212 -13.81 -15.55 7.40
N SER A 213 -12.52 -15.92 7.35
CA SER A 213 -11.71 -16.00 8.57
C SER A 213 -11.41 -14.61 9.14
N ALA A 214 -11.48 -13.59 8.30
CA ALA A 214 -11.49 -12.20 8.74
C ALA A 214 -12.70 -11.49 8.15
N ASP A 215 -13.08 -10.38 8.76
CA ASP A 215 -14.26 -9.64 8.35
C ASP A 215 -14.01 -8.62 7.25
N ALA A 216 -12.90 -7.90 7.33
CA ALA A 216 -12.66 -6.75 6.46
C ALA A 216 -11.19 -6.42 6.32
N SER A 217 -10.87 -5.70 5.27
CA SER A 217 -9.49 -5.27 5.02
C SER A 217 -9.48 -3.93 4.32
N LEU A 218 -8.53 -3.09 4.71
CA LEU A 218 -8.26 -1.83 4.02
C LEU A 218 -7.08 -1.93 3.07
N SER A 219 -6.62 -3.16 2.82
CA SER A 219 -5.33 -3.38 2.13
C SER A 219 -5.45 -3.76 0.66
N ALA A 220 -6.62 -3.53 0.07
CA ALA A 220 -6.85 -3.89 -1.32
C ALA A 220 -6.46 -2.73 -2.24
N TRP A 221 -5.47 -2.96 -3.09
CA TRP A 221 -5.04 -2.00 -4.13
C TRP A 221 -5.61 -2.48 -5.46
N LEU A 222 -6.53 -1.68 -6.01
CA LEU A 222 -7.38 -2.10 -7.12
C LEU A 222 -7.57 -0.96 -8.13
N PRO A 223 -7.77 -1.27 -9.42
CA PRO A 223 -7.92 -2.65 -9.95
C PRO A 223 -6.64 -3.35 -10.39
N ASN A 224 -5.51 -2.64 -10.41
CA ASN A 224 -4.29 -3.16 -11.04
C ASN A 224 -3.43 -4.04 -10.13
N THR A 225 -3.08 -3.51 -8.96
CA THR A 225 -2.08 -4.15 -8.12
C THR A 225 -2.48 -5.55 -7.65
N HIS A 226 -3.72 -5.70 -7.19
CA HIS A 226 -4.22 -7.00 -6.74
C HIS A 226 -5.21 -7.61 -7.73
N LYS A 227 -4.98 -7.35 -9.01
CA LYS A 227 -5.80 -7.92 -10.08
C LYS A 227 -5.95 -9.44 -9.97
N ALA A 228 -4.83 -10.13 -9.81
CA ALA A 228 -4.80 -11.60 -9.74
C ALA A 228 -5.53 -12.17 -8.50
N TYR A 229 -5.37 -11.50 -7.36
CA TYR A 229 -6.07 -11.92 -6.15
C TYR A 229 -7.58 -11.72 -6.28
N ALA A 230 -7.98 -10.56 -6.76
CA ALA A 230 -9.38 -10.24 -7.00
C ALA A 230 -10.03 -11.22 -8.00
N ALA A 231 -9.31 -11.56 -9.07
CA ALA A 231 -9.80 -12.52 -10.06
C ALA A 231 -9.95 -13.93 -9.47
N LYS A 232 -8.97 -14.34 -8.66
CA LYS A 232 -8.99 -15.65 -8.01
C LYS A 232 -10.22 -15.82 -7.10
N TYR A 233 -10.56 -14.76 -6.37
CA TYR A 233 -11.67 -14.76 -5.43
C TYR A 233 -12.87 -13.95 -5.93
N LYS A 234 -13.05 -13.90 -7.25
CA LYS A 234 -14.06 -13.05 -7.92
C LYS A 234 -15.40 -12.90 -7.19
N GLY A 235 -16.13 -13.98 -6.94
CA GLY A 235 -17.46 -13.83 -6.34
C GLY A 235 -17.50 -13.89 -4.82
N LYS A 236 -16.35 -13.73 -4.17
CA LYS A 236 -16.19 -14.17 -2.79
C LYS A 236 -15.78 -13.07 -1.80
N TYR A 237 -15.88 -11.83 -2.24
CA TYR A 237 -15.66 -10.68 -1.37
C TYR A 237 -16.55 -9.54 -1.84
N ASP A 238 -16.83 -8.60 -0.95
CA ASP A 238 -17.56 -7.38 -1.31
C ASP A 238 -16.61 -6.20 -1.31
N ASP A 239 -16.70 -5.38 -2.36
CA ASP A 239 -15.95 -4.17 -2.46
C ASP A 239 -16.87 -3.02 -2.05
N ILE A 240 -16.76 -2.58 -0.81
CA ILE A 240 -17.75 -1.64 -0.21
C ILE A 240 -17.26 -0.19 -0.10
N GLY A 241 -16.01 0.07 -0.48
CA GLY A 241 -15.49 1.44 -0.34
C GLY A 241 -14.19 1.68 -1.08
N THR A 242 -13.92 2.97 -1.33
CA THR A 242 -12.69 3.45 -1.93
C THR A 242 -12.12 4.47 -0.95
N SER A 243 -11.06 4.10 -0.24
CA SER A 243 -10.50 4.96 0.81
C SER A 243 -9.51 5.99 0.26
N MET A 244 -8.98 5.72 -0.94
CA MET A 244 -8.07 6.64 -1.60
C MET A 244 -8.05 6.45 -3.13
N THR A 245 -7.90 7.57 -3.85
CA THR A 245 -7.71 7.59 -5.29
C THR A 245 -6.38 8.24 -5.61
N GLY A 246 -5.96 8.12 -6.87
CA GLY A 246 -4.72 8.73 -7.35
C GLY A 246 -3.45 8.11 -6.80
N VAL A 247 -3.55 6.89 -6.27
CA VAL A 247 -2.37 6.23 -5.74
C VAL A 247 -1.59 5.65 -6.93
N LYS A 248 -0.29 5.46 -6.74
CA LYS A 248 0.61 5.09 -7.81
C LYS A 248 1.59 4.02 -7.39
N MET A 249 2.14 3.35 -8.38
CA MET A 249 3.19 2.37 -8.17
C MET A 249 4.01 2.23 -9.44
N GLY A 250 5.26 1.81 -9.27
CA GLY A 250 6.17 1.68 -10.38
C GLY A 250 7.62 1.53 -9.97
N LEU A 251 8.51 1.77 -10.93
CA LEU A 251 9.94 1.83 -10.67
C LEU A 251 10.32 3.26 -10.25
N VAL A 252 11.00 3.35 -9.12
CA VAL A 252 11.34 4.63 -8.50
C VAL A 252 12.86 4.79 -8.38
N VAL A 253 13.35 6.00 -8.64
CA VAL A 253 14.77 6.33 -8.46
C VAL A 253 14.91 7.67 -7.74
N PRO A 254 16.05 7.89 -7.11
CA PRO A 254 16.39 9.21 -6.58
C PRO A 254 16.48 10.25 -7.69
N GLN A 255 16.10 11.49 -7.38
CA GLN A 255 16.19 12.56 -8.35
C GLN A 255 17.64 12.85 -8.78
N TYR A 256 18.61 12.52 -7.93
CA TYR A 256 20.02 12.70 -8.33
C TYR A 256 20.44 11.83 -9.52
N MET A 257 19.64 10.83 -9.88
CA MET A 257 19.84 10.10 -11.15
C MET A 257 19.14 10.89 -12.27
N LYS A 258 19.76 12.01 -12.61
CA LYS A 258 19.17 13.01 -13.52
C LYS A 258 18.87 12.47 -14.92
N ASN A 259 19.76 11.64 -15.45
CA ASN A 259 19.64 11.16 -16.83
C ASN A 259 18.76 9.92 -17.00
N VAL A 260 18.27 9.37 -15.89
CA VAL A 260 17.38 8.21 -15.92
C VAL A 260 15.96 8.66 -15.60
N ASN A 261 15.11 8.69 -16.62
CA ASN A 261 13.76 9.27 -16.48
C ASN A 261 12.59 8.38 -16.93
N SER A 262 12.88 7.37 -17.74
CA SER A 262 11.87 6.44 -18.24
C SER A 262 12.33 5.01 -18.01
N ILE A 263 11.38 4.08 -17.92
CA ILE A 263 11.72 2.66 -17.89
C ILE A 263 12.40 2.25 -19.21
N GLU A 264 12.13 2.99 -20.28
CA GLU A 264 12.83 2.79 -21.55
C GLU A 264 14.35 3.02 -21.42
N ASP A 265 14.77 3.90 -20.49
CA ASP A 265 16.20 4.17 -20.27
C ASP A 265 16.96 2.96 -19.70
N LEU A 266 16.24 1.99 -19.17
CA LEU A 266 16.83 0.79 -18.60
C LEU A 266 17.13 -0.26 -19.68
N LYS A 267 16.52 -0.13 -20.85
CA LYS A 267 16.76 -1.04 -21.96
C LYS A 267 18.20 -0.92 -22.45
N LYS A 268 18.73 0.29 -22.35
CA LYS A 268 20.05 0.66 -22.87
C LYS A 268 21.22 -0.13 -22.27
#